data_6I4V
#
_entry.id   6I4V
#
_cell.length_a   114.460
_cell.length_b   38.950
_cell.length_c   89.850
_cell.angle_alpha   90.000
_cell.angle_beta   103.950
_cell.angle_gamma   90.000
#
_symmetry.space_group_name_H-M   'C 1 2 1'
#
loop_
_entity.id
_entity.type
_entity.pdbx_description
1 polymer Alpha-1-antitrypsin
2 non-polymer GLYCINE
3 non-polymer '3-trimethylsilylpropane-1-sulfonic acid'
4 water water
#
_entity_poly.entity_id   1
_entity_poly.type   'polypeptide(L)'
_entity_poly.pdbx_seq_one_letter_code
;MRGSHHHHHHTDPQGDAAQKTDTSHHDQDHPTFNKITPNLAEFAFSLYRQLAHQSNSTNIFFSPVSIATAFAMLSLGTKA
DTHDEILEGLNFNLTEIPEAQIHEGFQELLRTLNQPDSQLQLTTGNGLFLSEGLKLVDKFLEDVKKLYHSEAFTVNFGDT
EEANKQINDYVEKGTQGKIVDLVKELDRDTVFALVNYIFFKGKWERPFEVKDTEEEDFHVDQVTTVKVPMMKRLGMFNIQ
HSKKLSSWVLLMKYLGNATAIFFLPDEGKLQHLENELTHDIITKFLENEDRRSASLHLPKLSITGTYDLKSVLGQLGITK
VFSNGADLSGVTEEAPLKLSKAVHKAVLTIDEKGTEAAGAMFLEAIPMSIPPEVKFNKPFVFLMIEQNTKSPLFMGKVVN
PTQK
;
_entity_poly.pdbx_strand_id   A
#
loop_
_chem_comp.id
_chem_comp.type
_chem_comp.name
_chem_comp.formula
H3B non-polymer '3-trimethylsilylpropane-1-sulfonic acid' 'C6 H16 O3 S Si'
#
# COMPACT_ATOMS: atom_id res chain seq x y z
N ASN A 34 -6.44 15.96 9.12
CA ASN A 34 -5.45 15.10 8.48
C ASN A 34 -4.06 15.40 9.04
N LYS A 35 -3.94 15.38 10.37
CA LYS A 35 -2.70 15.78 11.02
C LYS A 35 -1.57 14.81 10.74
N ILE A 36 -1.87 13.51 10.60
CA ILE A 36 -0.83 12.52 10.39
C ILE A 36 -0.53 12.25 8.92
N THR A 37 -1.24 12.90 8.00
CA THR A 37 -1.00 12.61 6.58
C THR A 37 0.41 12.96 6.14
N PRO A 38 0.99 14.10 6.51
CA PRO A 38 2.40 14.35 6.14
C PRO A 38 3.34 13.27 6.65
N ASN A 39 3.06 12.72 7.83
CA ASN A 39 3.92 11.66 8.36
C ASN A 39 3.77 10.38 7.54
N LEU A 40 2.52 9.98 7.26
CA LEU A 40 2.31 8.80 6.44
C LEU A 40 3.01 8.95 5.09
N ALA A 41 2.93 10.16 4.50
CA ALA A 41 3.57 10.39 3.20
C ALA A 41 5.09 10.22 3.30
N GLU A 42 5.70 10.74 4.38
CA GLU A 42 7.14 10.56 4.55
C GLU A 42 7.48 9.09 4.80
N PHE A 43 6.65 8.39 5.57
CA PHE A 43 6.85 6.95 5.75
C PHE A 43 6.77 6.20 4.41
N ALA A 44 5.76 6.49 3.59
CA ALA A 44 5.65 5.90 2.27
C ALA A 44 6.93 6.09 1.46
N PHE A 45 7.44 7.32 1.42
CA PHE A 45 8.66 7.59 0.66
C PHE A 45 9.88 6.92 1.29
N SER A 46 10.00 6.92 2.62
CA SER A 46 11.13 6.24 3.25
C SER A 46 11.13 4.76 2.92
N LEU A 47 9.97 4.14 3.03
CA LEU A 47 9.87 2.71 2.75
C LEU A 47 10.11 2.42 1.27
N TYR A 48 9.53 3.23 0.38
CA TYR A 48 9.74 3.02 -1.04
C TYR A 48 11.22 3.13 -1.39
N ARG A 49 11.89 4.18 -0.93
CA ARG A 49 13.28 4.40 -1.32
C ARG A 49 14.19 3.30 -0.83
N GLN A 50 13.86 2.71 0.32
CA GLN A 50 14.62 1.57 0.78
C GLN A 50 14.41 0.37 -0.14
N LEU A 51 13.14 0.02 -0.39
CA LEU A 51 12.85 -1.11 -1.27
C LEU A 51 13.43 -0.89 -2.65
N ALA A 52 13.34 0.34 -3.19
CA ALA A 52 13.92 0.61 -4.50
C ALA A 52 15.44 0.47 -4.48
N HIS A 53 16.09 0.62 -3.33
CA HIS A 53 17.54 0.46 -3.27
C HIS A 53 17.94 -1.00 -3.32
N GLN A 54 17.15 -1.88 -2.69
CA GLN A 54 17.47 -3.30 -2.68
C GLN A 54 17.61 -3.85 -4.09
N SER A 55 16.55 -3.76 -4.89
CA SER A 55 16.57 -4.22 -6.26
C SER A 55 15.89 -3.19 -7.14
N ASN A 56 16.55 -2.85 -8.25
CA ASN A 56 16.01 -1.90 -9.21
C ASN A 56 15.35 -2.58 -10.41
N SER A 57 15.22 -3.92 -10.36
CA SER A 57 14.64 -4.67 -11.47
C SER A 57 13.46 -5.54 -11.03
N THR A 58 12.82 -5.19 -9.91
CA THR A 58 11.64 -5.90 -9.45
C THR A 58 10.49 -4.92 -9.27
N ASN A 59 9.27 -5.35 -9.61
CA ASN A 59 8.08 -4.54 -9.34
C ASN A 59 7.95 -4.34 -7.83
N ILE A 60 7.47 -3.17 -7.42
CA ILE A 60 7.25 -2.85 -6.02
C ILE A 60 5.78 -2.53 -5.82
N PHE A 61 5.18 -3.05 -4.77
CA PHE A 61 3.82 -2.65 -4.41
C PHE A 61 3.60 -2.92 -2.93
N PHE A 62 3.25 -1.89 -2.17
CA PHE A 62 2.99 -2.03 -0.75
C PHE A 62 1.99 -0.95 -0.30
N SER A 63 1.47 -1.14 0.92
CA SER A 63 0.52 -0.20 1.50
C SER A 63 1.16 0.52 2.67
N PRO A 64 1.62 1.76 2.48
CA PRO A 64 2.10 2.51 3.66
C PRO A 64 1.07 2.60 4.76
N VAL A 65 -0.20 2.80 4.40
CA VAL A 65 -1.25 2.97 5.41
C VAL A 65 -1.43 1.71 6.23
N SER A 66 -1.56 0.55 5.55
CA SER A 66 -1.87 -0.66 6.30
C SER A 66 -0.71 -1.07 7.21
N ILE A 67 0.53 -0.90 6.73
CA ILE A 67 1.70 -1.19 7.56
C ILE A 67 1.76 -0.26 8.77
N ALA A 68 1.65 1.06 8.51
CA ALA A 68 1.71 2.04 9.59
C ALA A 68 0.58 1.82 10.60
N THR A 69 -0.63 1.55 10.12
CA THR A 69 -1.74 1.32 11.04
CA THR A 69 -1.74 1.32 11.04
C THR A 69 -1.45 0.13 11.92
N ALA A 70 -0.92 -0.95 11.33
CA ALA A 70 -0.65 -2.15 12.12
C ALA A 70 0.37 -1.88 13.22
N PHE A 71 1.40 -1.11 12.93
CA PHE A 71 2.44 -0.89 13.93
C PHE A 71 2.11 0.22 14.90
N ALA A 72 1.34 1.23 14.48
CA ALA A 72 0.75 2.14 15.46
C ALA A 72 -0.11 1.38 16.47
N MET A 73 -0.89 0.43 15.98
CA MET A 73 -1.66 -0.43 16.86
C MET A 73 -0.77 -1.23 17.80
N LEU A 74 0.24 -1.89 17.26
CA LEU A 74 1.18 -2.66 18.07
C LEU A 74 1.85 -1.81 19.14
N SER A 75 2.17 -0.55 18.83
CA SER A 75 2.83 0.28 19.82
C SER A 75 2.00 0.43 21.09
N LEU A 76 0.68 0.28 21.01
CA LEU A 76 -0.17 0.37 22.20
C LEU A 76 0.17 -0.69 23.24
N GLY A 77 0.85 -1.76 22.84
CA GLY A 77 1.31 -2.79 23.75
C GLY A 77 2.76 -2.70 24.16
N THR A 78 3.46 -1.66 23.75
CA THR A 78 4.89 -1.49 24.01
C THR A 78 5.11 -0.29 24.92
N LYS A 79 6.35 -0.14 25.41
CA LYS A 79 6.71 0.98 26.27
C LYS A 79 8.15 1.41 25.99
N ALA A 80 8.46 2.62 26.46
CA ALA A 80 9.83 3.17 26.50
C ALA A 80 10.48 3.08 25.11
N ASP A 81 11.73 2.61 25.01
CA ASP A 81 12.45 2.68 23.75
C ASP A 81 11.75 1.86 22.68
N THR A 82 11.33 0.63 23.02
CA THR A 82 10.60 -0.20 22.07
C THR A 82 9.46 0.58 21.44
N HIS A 83 8.72 1.32 22.26
CA HIS A 83 7.58 2.09 21.77
C HIS A 83 8.02 3.27 20.92
N ASP A 84 9.01 4.03 21.40
CA ASP A 84 9.44 5.21 20.68
C ASP A 84 10.03 4.83 19.31
N GLU A 85 10.81 3.75 19.27
CA GLU A 85 11.38 3.32 17.99
C GLU A 85 10.30 3.09 16.96
N ILE A 86 9.19 2.45 17.33
CA ILE A 86 8.14 2.15 16.36
C ILE A 86 7.57 3.45 15.79
N LEU A 87 7.16 4.36 16.66
CA LEU A 87 6.51 5.56 16.16
C LEU A 87 7.50 6.44 15.40
N GLU A 88 8.75 6.48 15.86
CA GLU A 88 9.77 7.23 15.13
C GLU A 88 10.06 6.58 13.78
N GLY A 89 10.03 5.25 13.72
CA GLY A 89 10.22 4.54 12.48
C GLY A 89 9.09 4.74 11.49
N LEU A 90 7.91 5.15 11.96
CA LEU A 90 6.79 5.55 11.11
C LEU A 90 6.83 7.05 10.77
N ASN A 91 7.93 7.72 11.06
CA ASN A 91 8.14 9.13 10.70
C ASN A 91 7.31 10.07 11.58
N PHE A 92 7.11 9.73 12.85
CA PHE A 92 6.51 10.64 13.81
C PHE A 92 7.61 11.16 14.71
N ASN A 93 7.75 12.49 14.78
CA ASN A 93 8.70 13.13 15.67
C ASN A 93 7.98 13.29 17.01
N LEU A 94 8.30 12.43 17.97
CA LEU A 94 7.58 12.40 19.23
C LEU A 94 7.84 13.64 20.11
N THR A 95 8.80 14.48 19.75
CA THR A 95 8.97 15.74 20.43
C THR A 95 8.01 16.81 19.91
N GLU A 96 7.29 16.53 18.83
CA GLU A 96 6.45 17.55 18.19
C GLU A 96 4.97 17.20 18.15
N ILE A 97 4.61 15.94 17.99
CA ILE A 97 3.21 15.54 17.86
C ILE A 97 2.85 14.69 19.06
N PRO A 98 1.81 15.03 19.81
CA PRO A 98 1.39 14.16 20.93
C PRO A 98 0.88 12.83 20.42
N GLU A 99 1.13 11.78 21.21
CA GLU A 99 0.72 10.45 20.81
C GLU A 99 -0.80 10.33 20.63
N ALA A 100 -1.58 11.08 21.42
CA ALA A 100 -3.03 11.02 21.26
C ALA A 100 -3.44 11.41 19.84
N GLN A 101 -2.78 12.42 19.27
CA GLN A 101 -3.11 12.85 17.91
C GLN A 101 -2.70 11.82 16.86
N ILE A 102 -1.67 11.03 17.15
CA ILE A 102 -1.27 9.96 16.25
C ILE A 102 -2.38 8.91 16.16
N HIS A 103 -2.80 8.38 17.31
CA HIS A 103 -3.80 7.32 17.29
C HIS A 103 -5.14 7.85 16.82
N GLU A 104 -5.47 9.11 17.15
CA GLU A 104 -6.69 9.71 16.63
C GLU A 104 -6.65 9.83 15.11
N GLY A 105 -5.47 10.11 14.55
CA GLY A 105 -5.37 10.18 13.11
C GLY A 105 -5.59 8.84 12.45
N PHE A 106 -5.05 7.77 13.05
CA PHE A 106 -5.22 6.44 12.46
C PHE A 106 -6.66 5.97 12.58
N GLN A 107 -7.33 6.30 13.67
CA GLN A 107 -8.70 5.84 13.87
C GLN A 107 -9.65 6.56 12.94
N GLU A 108 -9.44 7.87 12.73
CA GLU A 108 -10.24 8.59 11.76
C GLU A 108 -9.99 8.07 10.36
N LEU A 109 -8.76 7.61 10.07
CA LEU A 109 -8.48 7.04 8.75
C LEU A 109 -9.18 5.71 8.58
N LEU A 110 -9.17 4.87 9.62
CA LEU A 110 -9.91 3.62 9.54
C LEU A 110 -11.41 3.84 9.38
N ARG A 111 -11.93 4.93 9.95
CA ARG A 111 -13.35 5.22 9.84
C ARG A 111 -13.75 5.45 8.38
N THR A 112 -12.87 6.07 7.59
CA THR A 112 -13.20 6.37 6.20
C THR A 112 -13.02 5.14 5.30
N LEU A 113 -12.08 4.27 5.63
CA LEU A 113 -11.79 3.10 4.80
C LEU A 113 -12.77 1.96 5.02
N ASN A 114 -13.54 1.99 6.11
CA ASN A 114 -14.46 0.90 6.42
C ASN A 114 -15.91 1.37 6.45
N GLN A 115 -16.22 2.47 5.78
CA GLN A 115 -17.61 2.92 5.70
C GLN A 115 -18.46 1.85 5.03
N PRO A 116 -19.65 1.55 5.55
CA PRO A 116 -20.48 0.50 4.94
C PRO A 116 -20.71 0.72 3.45
N ASP A 117 -21.36 1.83 3.09
CA ASP A 117 -21.62 2.16 1.70
C ASP A 117 -20.32 2.68 1.09
N SER A 118 -19.48 1.75 0.62
CA SER A 118 -18.18 2.09 0.07
C SER A 118 -17.98 1.30 -1.21
N GLN A 119 -17.91 2.00 -2.34
CA GLN A 119 -17.58 1.38 -3.61
C GLN A 119 -16.10 1.08 -3.76
N LEU A 120 -15.26 1.56 -2.84
CA LEU A 120 -13.82 1.45 -3.03
C LEU A 120 -13.34 0.00 -3.05
N GLN A 121 -14.05 -0.88 -2.35
CA GLN A 121 -13.74 -2.31 -2.35
C GLN A 121 -12.27 -2.56 -2.02
N LEU A 122 -11.95 -2.25 -0.77
CA LEU A 122 -10.61 -2.40 -0.22
C LEU A 122 -10.65 -3.52 0.82
N THR A 123 -9.87 -4.57 0.59
CA THR A 123 -9.85 -5.75 1.47
C THR A 123 -8.51 -5.76 2.18
N THR A 124 -8.51 -5.40 3.46
CA THR A 124 -7.28 -5.37 4.25
C THR A 124 -7.56 -5.96 5.63
N GLY A 125 -6.53 -6.55 6.21
CA GLY A 125 -6.65 -7.09 7.54
C GLY A 125 -5.31 -7.16 8.20
N ASN A 126 -5.32 -7.16 9.54
CA ASN A 126 -4.13 -7.35 10.32
C ASN A 126 -4.45 -8.41 11.36
N GLY A 127 -3.62 -9.44 11.43
CA GLY A 127 -3.83 -10.52 12.36
C GLY A 127 -2.67 -10.68 13.33
N LEU A 128 -2.97 -10.64 14.62
CA LEU A 128 -2.00 -10.90 15.67
C LEU A 128 -2.18 -12.34 16.16
N PHE A 129 -1.09 -13.10 16.16
CA PHE A 129 -1.12 -14.51 16.50
C PHE A 129 -0.20 -14.67 17.69
N LEU A 130 -0.77 -14.98 18.84
CA LEU A 130 -0.06 -15.02 20.12
C LEU A 130 -0.13 -16.41 20.71
N SER A 131 0.97 -16.81 21.35
CA SER A 131 1.00 -18.10 22.02
C SER A 131 -0.14 -18.23 23.04
N GLU A 132 -0.84 -19.37 23.02
CA GLU A 132 -1.95 -19.54 23.93
C GLU A 132 -1.52 -19.65 25.38
N GLY A 133 -0.25 -19.95 25.63
CA GLY A 133 0.23 -20.03 27.01
C GLY A 133 0.47 -18.68 27.67
N LEU A 134 0.34 -17.59 26.94
CA LEU A 134 0.61 -16.26 27.48
C LEU A 134 -0.62 -15.71 28.20
N LYS A 135 -0.38 -15.03 29.31
CA LYS A 135 -1.40 -14.26 30.01
C LYS A 135 -1.47 -12.88 29.38
N LEU A 136 -2.51 -12.63 28.61
CA LEU A 136 -2.61 -11.40 27.84
C LEU A 136 -3.30 -10.30 28.63
N VAL A 137 -2.91 -9.06 28.34
CA VAL A 137 -3.51 -7.90 29.00
C VAL A 137 -4.81 -7.54 28.31
N ASP A 138 -5.90 -7.51 29.07
CA ASP A 138 -7.21 -7.22 28.47
C ASP A 138 -7.22 -5.87 27.78
N LYS A 139 -6.55 -4.86 28.36
CA LYS A 139 -6.53 -3.53 27.75
C LYS A 139 -6.02 -3.58 26.32
N PHE A 140 -4.95 -4.34 26.08
CA PHE A 140 -4.39 -4.41 24.74
C PHE A 140 -5.39 -5.06 23.77
N LEU A 141 -5.97 -6.18 24.17
CA LEU A 141 -6.94 -6.84 23.31
C LEU A 141 -8.15 -5.94 23.04
N GLU A 142 -8.55 -5.14 24.03
CA GLU A 142 -9.61 -4.18 23.81
C GLU A 142 -9.21 -3.13 22.78
N ASP A 143 -8.01 -2.54 22.95
CA ASP A 143 -7.55 -1.53 22.00
C ASP A 143 -7.46 -2.11 20.59
N VAL A 144 -6.92 -3.31 20.47
CA VAL A 144 -6.80 -3.92 19.14
C VAL A 144 -8.16 -4.03 18.47
N LYS A 145 -9.13 -4.61 19.17
CA LYS A 145 -10.44 -4.89 18.57
C LYS A 145 -11.27 -3.63 18.47
N LYS A 146 -11.32 -2.82 19.54
CA LYS A 146 -12.23 -1.67 19.57
C LYS A 146 -11.63 -0.47 18.85
N LEU A 147 -10.40 -0.10 19.19
CA LEU A 147 -9.83 1.13 18.65
C LEU A 147 -9.34 0.93 17.22
N TYR A 148 -8.71 -0.21 16.93
CA TYR A 148 -8.15 -0.44 15.60
C TYR A 148 -8.91 -1.48 14.77
N HIS A 149 -10.02 -2.01 15.29
CA HIS A 149 -10.86 -2.93 14.55
C HIS A 149 -10.03 -4.00 13.85
N SER A 150 -9.11 -4.58 14.61
CA SER A 150 -8.21 -5.60 14.10
C SER A 150 -8.47 -6.91 14.85
N GLU A 151 -7.67 -7.93 14.55
CA GLU A 151 -7.93 -9.29 15.01
C GLU A 151 -6.73 -9.84 15.77
N ALA A 152 -6.99 -10.49 16.89
CA ALA A 152 -5.97 -11.13 17.70
C ALA A 152 -6.39 -12.56 17.97
N PHE A 153 -5.47 -13.51 17.74
CA PHE A 153 -5.77 -14.92 17.92
C PHE A 153 -4.73 -15.54 18.83
N THR A 154 -5.15 -16.56 19.58
CA THR A 154 -4.25 -17.40 20.36
C THR A 154 -4.03 -18.70 19.59
N VAL A 155 -2.76 -19.10 19.47
CA VAL A 155 -2.39 -20.30 18.74
C VAL A 155 -1.37 -21.09 19.55
N ASN A 156 -1.36 -22.40 19.34
CA ASN A 156 -0.35 -23.29 19.91
C ASN A 156 0.85 -23.28 18.96
N PHE A 157 1.83 -22.43 19.26
CA PHE A 157 3.06 -22.43 18.47
C PHE A 157 3.94 -23.64 18.77
N GLY A 158 3.57 -24.47 19.75
CA GLY A 158 4.25 -25.75 19.93
C GLY A 158 4.04 -26.70 18.77
N ASP A 159 2.99 -26.47 17.96
CA ASP A 159 2.75 -27.23 16.74
C ASP A 159 3.02 -26.25 15.60
N THR A 160 4.29 -26.17 15.21
CA THR A 160 4.71 -25.14 14.25
CA THR A 160 4.71 -25.14 14.25
C THR A 160 3.95 -25.25 12.94
N GLU A 161 3.78 -26.47 12.42
CA GLU A 161 3.10 -26.64 11.14
C GLU A 161 1.63 -26.24 11.24
N GLU A 162 0.96 -26.60 12.32
CA GLU A 162 -0.45 -26.25 12.45
C GLU A 162 -0.62 -24.75 12.64
N ALA A 163 0.29 -24.12 13.40
CA ALA A 163 0.24 -22.67 13.54
C ALA A 163 0.44 -22.00 12.19
N ASN A 164 1.38 -22.50 11.39
CA ASN A 164 1.60 -21.93 10.06
C ASN A 164 0.34 -22.06 9.20
N LYS A 165 -0.32 -23.22 9.27
CA LYS A 165 -1.54 -23.42 8.51
C LYS A 165 -2.63 -22.44 8.93
N GLN A 166 -2.81 -22.25 10.23
CA GLN A 166 -3.86 -21.36 10.71
C GLN A 166 -3.57 -19.92 10.34
N ILE A 167 -2.29 -19.53 10.33
CA ILE A 167 -1.96 -18.19 9.88
C ILE A 167 -2.31 -18.01 8.40
N ASN A 168 -1.92 -18.99 7.56
CA ASN A 168 -2.23 -18.91 6.13
C ASN A 168 -3.72 -19.01 5.88
N ASP A 169 -4.42 -19.90 6.60
CA ASP A 169 -5.86 -20.01 6.42
C ASP A 169 -6.57 -18.69 6.73
N TYR A 170 -6.14 -18.00 7.79
CA TYR A 170 -6.71 -16.70 8.12
C TYR A 170 -6.59 -15.73 6.95
N VAL A 171 -5.39 -15.58 6.40
CA VAL A 171 -5.19 -14.67 5.27
C VAL A 171 -5.98 -15.14 4.06
N GLU A 172 -5.93 -16.44 3.76
CA GLU A 172 -6.66 -16.97 2.60
C GLU A 172 -8.16 -16.69 2.73
N LYS A 173 -8.72 -16.93 3.91
CA LYS A 173 -10.13 -16.65 4.13
C LYS A 173 -10.40 -15.14 4.07
N GLY A 174 -9.50 -14.33 4.61
CA GLY A 174 -9.71 -12.89 4.61
C GLY A 174 -9.73 -12.29 3.21
N THR A 175 -9.08 -12.96 2.26
CA THR A 175 -9.02 -12.50 0.88
C THR A 175 -9.83 -13.36 -0.06
N GLN A 176 -10.71 -14.21 0.48
CA GLN A 176 -11.53 -15.12 -0.32
C GLN A 176 -10.67 -15.91 -1.32
N GLY A 177 -9.47 -16.27 -0.88
CA GLY A 177 -8.59 -17.09 -1.69
C GLY A 177 -7.65 -16.35 -2.61
N LYS A 178 -7.55 -15.03 -2.49
CA LYS A 178 -6.64 -14.28 -3.35
C LYS A 178 -5.19 -14.42 -2.91
N ILE A 179 -4.95 -14.52 -1.60
CA ILE A 179 -3.61 -14.64 -1.05
C ILE A 179 -3.52 -15.99 -0.36
N VAL A 180 -2.74 -16.91 -0.92
CA VAL A 180 -2.60 -18.25 -0.39
C VAL A 180 -1.14 -18.48 0.01
N ASP A 181 -0.96 -19.32 1.03
CA ASP A 181 0.38 -19.73 1.47
C ASP A 181 1.29 -18.52 1.66
N LEU A 182 0.80 -17.54 2.41
CA LEU A 182 1.57 -16.33 2.69
C LEU A 182 2.86 -16.66 3.44
N VAL A 183 2.73 -17.13 4.67
CA VAL A 183 3.88 -17.46 5.50
C VAL A 183 4.37 -18.84 5.11
N LYS A 184 5.63 -18.92 4.69
CA LYS A 184 6.21 -20.18 4.23
C LYS A 184 6.99 -20.92 5.31
N GLU A 185 7.42 -20.23 6.37
CA GLU A 185 8.18 -20.87 7.42
C GLU A 185 8.08 -20.08 8.71
N LEU A 186 7.86 -20.78 9.82
CA LEU A 186 7.96 -20.21 11.15
C LEU A 186 9.15 -20.84 11.86
N ASP A 187 9.90 -20.03 12.60
CA ASP A 187 10.96 -20.60 13.42
C ASP A 187 10.35 -21.21 14.68
N ARG A 188 10.97 -22.30 15.16
CA ARG A 188 10.40 -23.05 16.27
C ARG A 188 10.15 -22.17 17.49
N ASP A 189 10.94 -21.12 17.68
CA ASP A 189 10.85 -20.29 18.88
C ASP A 189 9.78 -19.21 18.77
N THR A 190 8.98 -19.21 17.70
CA THR A 190 7.97 -18.19 17.52
C THR A 190 6.94 -18.24 18.65
N VAL A 191 6.64 -17.08 19.23
CA VAL A 191 5.53 -16.95 20.17
C VAL A 191 4.59 -15.81 19.79
N PHE A 192 4.91 -15.02 18.78
CA PHE A 192 4.11 -13.86 18.39
C PHE A 192 4.40 -13.53 16.94
N ALA A 193 3.35 -13.51 16.10
CA ALA A 193 3.49 -13.24 14.68
C ALA A 193 2.44 -12.22 14.26
N LEU A 194 2.79 -11.43 13.24
CA LEU A 194 1.92 -10.39 12.71
C LEU A 194 1.86 -10.60 11.21
N VAL A 195 0.64 -10.66 10.67
CA VAL A 195 0.42 -10.76 9.22
C VAL A 195 -0.47 -9.59 8.83
N ASN A 196 -0.06 -8.87 7.79
CA ASN A 196 -0.78 -7.69 7.32
C ASN A 196 -0.98 -7.88 5.82
N TYR A 197 -2.25 -7.87 5.37
CA TYR A 197 -2.58 -8.16 3.99
C TYR A 197 -3.50 -7.07 3.46
N ILE A 198 -3.45 -6.87 2.15
CA ILE A 198 -4.33 -5.89 1.53
C ILE A 198 -4.47 -6.26 0.07
N PHE A 199 -5.70 -6.23 -0.43
CA PHE A 199 -5.99 -6.55 -1.83
C PHE A 199 -6.87 -5.43 -2.36
N PHE A 200 -6.55 -4.91 -3.55
CA PHE A 200 -7.30 -3.82 -4.13
C PHE A 200 -7.51 -4.08 -5.61
N LYS A 201 -8.76 -3.98 -6.04
CA LYS A 201 -9.10 -3.91 -7.46
C LYS A 201 -10.10 -2.76 -7.60
N GLY A 202 -9.63 -1.61 -8.03
CA GLY A 202 -10.49 -0.44 -8.09
C GLY A 202 -11.34 -0.43 -9.34
N LYS A 203 -12.39 0.37 -9.28
CA LYS A 203 -13.28 0.63 -10.40
C LYS A 203 -13.10 2.08 -10.85
N TRP A 204 -12.66 2.27 -12.09
CA TRP A 204 -12.40 3.61 -12.58
C TRP A 204 -13.73 4.37 -12.69
N GLU A 205 -13.73 5.63 -12.22
CA GLU A 205 -14.86 6.51 -12.52
C GLU A 205 -15.05 6.68 -14.02
N ARG A 206 -13.95 6.74 -14.76
CA ARG A 206 -13.97 6.87 -16.21
C ARG A 206 -13.22 5.67 -16.77
N PRO A 207 -13.93 4.60 -17.11
CA PRO A 207 -13.25 3.34 -17.44
C PRO A 207 -12.79 3.29 -18.89
N PHE A 208 -11.93 2.30 -19.14
CA PHE A 208 -11.50 1.91 -20.48
C PHE A 208 -12.49 0.93 -21.10
N GLU A 209 -12.45 0.83 -22.41
CA GLU A 209 -13.26 -0.14 -23.13
C GLU A 209 -12.42 -1.38 -23.39
N VAL A 210 -12.95 -2.55 -23.03
CA VAL A 210 -12.23 -3.80 -23.23
C VAL A 210 -11.91 -4.03 -24.70
N LYS A 211 -12.81 -3.62 -25.60
CA LYS A 211 -12.58 -3.81 -27.02
C LYS A 211 -11.31 -3.13 -27.49
N ASP A 212 -10.86 -2.09 -26.78
CA ASP A 212 -9.70 -1.31 -27.18
C ASP A 212 -8.39 -1.82 -26.58
N THR A 213 -8.43 -2.83 -25.71
CA THR A 213 -7.20 -3.38 -25.14
C THR A 213 -6.51 -4.29 -26.16
N GLU A 214 -5.22 -4.07 -26.37
CA GLU A 214 -4.46 -4.87 -27.32
C GLU A 214 -3.04 -5.05 -26.82
N GLU A 215 -2.34 -6.02 -27.41
CA GLU A 215 -0.97 -6.29 -27.01
C GLU A 215 -0.05 -5.20 -27.57
N GLU A 216 0.76 -4.61 -26.70
CA GLU A 216 1.68 -3.55 -27.11
C GLU A 216 3.04 -3.80 -26.48
N ASP A 217 4.06 -3.15 -27.03
CA ASP A 217 5.40 -3.24 -26.47
C ASP A 217 5.53 -2.46 -25.15
N PHE A 218 6.21 -3.07 -24.20
CA PHE A 218 6.63 -2.40 -22.97
C PHE A 218 8.15 -2.40 -22.93
N HIS A 219 8.75 -1.22 -22.80
CA HIS A 219 10.20 -1.06 -22.90
C HIS A 219 10.82 -1.33 -21.54
N VAL A 220 11.28 -2.57 -21.33
CA VAL A 220 11.84 -2.89 -20.02
C VAL A 220 13.19 -2.19 -19.86
N ASP A 221 13.87 -1.93 -20.96
CA ASP A 221 15.06 -1.10 -21.00
C ASP A 221 15.10 -0.41 -22.35
N GLN A 222 16.17 0.34 -22.59
CA GLN A 222 16.21 1.21 -23.77
C GLN A 222 16.37 0.46 -25.09
N VAL A 223 16.68 -0.84 -25.06
CA VAL A 223 16.82 -1.59 -26.30
C VAL A 223 16.01 -2.87 -26.30
N THR A 224 15.17 -3.07 -25.30
CA THR A 224 14.46 -4.32 -25.09
C THR A 224 12.98 -4.06 -24.82
N THR A 225 12.11 -4.82 -25.50
CA THR A 225 10.69 -4.76 -25.23
C THR A 225 10.09 -6.13 -24.98
N VAL A 226 8.98 -6.14 -24.23
CA VAL A 226 8.12 -7.31 -24.07
C VAL A 226 6.70 -6.90 -24.41
N LYS A 227 5.88 -7.88 -24.79
CA LYS A 227 4.48 -7.63 -25.14
C LYS A 227 3.61 -7.70 -23.89
N VAL A 228 2.72 -6.72 -23.73
CA VAL A 228 1.81 -6.71 -22.59
C VAL A 228 0.45 -6.21 -23.04
N PRO A 229 -0.62 -6.66 -22.36
CA PRO A 229 -1.94 -6.07 -22.61
C PRO A 229 -1.97 -4.61 -22.21
N MET A 230 -2.39 -3.76 -23.15
CA MET A 230 -2.34 -2.31 -23.00
C MET A 230 -3.72 -1.74 -23.25
N MET A 231 -4.30 -1.14 -22.22
CA MET A 231 -5.57 -0.43 -22.38
C MET A 231 -5.33 0.92 -23.03
N LYS A 232 -6.35 1.43 -23.71
CA LYS A 232 -6.17 2.77 -24.26
C LYS A 232 -7.52 3.46 -24.33
N ARG A 233 -7.47 4.78 -24.21
CA ARG A 233 -8.66 5.60 -24.32
C ARG A 233 -8.26 7.00 -24.73
N LEU A 234 -9.04 7.59 -25.64
CA LEU A 234 -8.98 9.00 -25.96
C LEU A 234 -10.01 9.71 -25.07
N GLY A 235 -9.54 10.67 -24.27
CA GLY A 235 -10.48 11.42 -23.45
C GLY A 235 -9.82 12.63 -22.84
N MET A 236 -10.52 13.22 -21.86
CA MET A 236 -10.09 14.43 -21.18
C MET A 236 -9.54 13.97 -19.84
N PHE A 237 -8.23 14.01 -19.69
CA PHE A 237 -7.55 13.46 -18.53
C PHE A 237 -6.92 14.56 -17.68
N ASN A 238 -6.85 14.30 -16.39
CA ASN A 238 -6.07 15.12 -15.48
C ASN A 238 -4.63 14.68 -15.66
N ILE A 239 -3.95 15.28 -16.63
CA ILE A 239 -2.63 14.85 -17.04
C ILE A 239 -1.80 16.09 -17.34
N GLN A 240 -0.51 16.03 -17.01
CA GLN A 240 0.37 17.15 -17.20
C GLN A 240 1.80 16.62 -17.22
N HIS A 241 2.70 17.41 -17.82
CA HIS A 241 4.13 17.13 -17.73
C HIS A 241 4.74 18.02 -16.66
N SER A 242 5.59 17.43 -15.82
CA SER A 242 6.22 18.14 -14.71
C SER A 242 7.68 18.34 -15.03
N LYS A 243 8.12 19.60 -15.05
CA LYS A 243 9.54 19.91 -15.20
C LYS A 243 10.31 19.51 -13.97
N LYS A 244 9.69 19.65 -12.79
CA LYS A 244 10.37 19.33 -11.53
C LYS A 244 10.67 17.84 -11.43
N LEU A 245 9.71 17.01 -11.83
CA LEU A 245 9.82 15.57 -11.78
C LEU A 245 10.33 14.95 -13.07
N SER A 246 10.49 15.75 -14.13
CA SER A 246 10.87 15.25 -15.44
C SER A 246 9.98 14.06 -15.84
N SER A 247 8.68 14.21 -15.60
CA SER A 247 7.76 13.11 -15.81
C SER A 247 6.39 13.62 -16.23
N TRP A 248 5.65 12.76 -16.93
CA TRP A 248 4.21 12.92 -17.07
C TRP A 248 3.53 12.48 -15.77
N VAL A 249 2.46 13.18 -15.40
CA VAL A 249 1.76 12.91 -14.15
C VAL A 249 0.29 12.78 -14.48
N LEU A 250 -0.25 11.59 -14.31
CA LEU A 250 -1.64 11.28 -14.57
C LEU A 250 -2.36 10.98 -13.26
N LEU A 251 -3.53 11.61 -13.10
CA LEU A 251 -4.43 11.35 -11.98
C LEU A 251 -5.75 10.81 -12.50
N MET A 252 -6.14 9.64 -12.01
CA MET A 252 -7.40 9.02 -12.37
C MET A 252 -8.16 8.60 -11.12
N LYS A 253 -9.44 8.95 -11.08
CA LYS A 253 -10.23 8.68 -9.88
C LYS A 253 -10.89 7.31 -9.95
N TYR A 254 -10.93 6.64 -8.80
CA TYR A 254 -11.69 5.41 -8.61
C TYR A 254 -13.07 5.74 -8.05
N LEU A 255 -14.05 4.88 -8.38
CA LEU A 255 -15.34 4.91 -7.68
C LEU A 255 -15.06 4.69 -6.20
N GLY A 256 -15.66 5.51 -5.36
CA GLY A 256 -15.27 5.53 -3.97
C GLY A 256 -14.36 6.70 -3.68
N ASN A 257 -13.57 6.59 -2.62
CA ASN A 257 -12.82 7.74 -2.15
C ASN A 257 -11.32 7.59 -2.39
N ALA A 258 -10.91 7.37 -3.64
CA ALA A 258 -9.50 7.16 -3.90
C ALA A 258 -9.13 7.62 -5.30
N THR A 259 -7.89 8.05 -5.45
CA THR A 259 -7.32 8.52 -6.72
C THR A 259 -5.97 7.85 -6.94
N ALA A 260 -5.74 7.39 -8.18
CA ALA A 260 -4.46 6.85 -8.58
C ALA A 260 -3.64 7.94 -9.26
N ILE A 261 -2.35 8.02 -8.90
CA ILE A 261 -1.43 8.96 -9.50
C ILE A 261 -0.33 8.13 -10.14
N PHE A 262 -0.13 8.30 -11.45
CA PHE A 262 0.91 7.59 -12.19
C PHE A 262 1.96 8.59 -12.68
N PHE A 263 3.22 8.24 -12.50
CA PHE A 263 4.35 9.09 -12.84
C PHE A 263 5.18 8.37 -13.89
N LEU A 264 5.23 8.94 -15.11
CA LEU A 264 5.99 8.40 -16.22
C LEU A 264 7.24 9.22 -16.44
N PRO A 265 8.41 8.75 -16.03
CA PRO A 265 9.61 9.58 -16.13
C PRO A 265 10.11 9.68 -17.56
N ASP A 266 10.66 10.84 -17.89
CA ASP A 266 11.30 11.03 -19.19
C ASP A 266 12.46 10.04 -19.33
N GLU A 267 12.94 9.91 -20.57
CA GLU A 267 14.05 8.99 -20.83
C GLU A 267 15.19 9.25 -19.86
N GLY A 268 15.57 8.21 -19.12
CA GLY A 268 16.68 8.30 -18.19
C GLY A 268 16.41 9.06 -16.92
N LYS A 269 15.15 9.31 -16.58
CA LYS A 269 14.82 10.13 -15.41
C LYS A 269 14.12 9.35 -14.30
N LEU A 270 14.08 8.03 -14.36
CA LEU A 270 13.38 7.28 -13.33
C LEU A 270 13.97 7.57 -11.95
N GLN A 271 15.29 7.51 -11.82
CA GLN A 271 15.92 7.76 -10.53
C GLN A 271 15.69 9.19 -10.06
N HIS A 272 15.78 10.16 -10.98
CA HIS A 272 15.48 11.54 -10.63
C HIS A 272 14.05 11.68 -10.12
N LEU A 273 13.09 11.06 -10.81
CA LEU A 273 11.72 11.06 -10.35
C LEU A 273 11.63 10.57 -8.92
N GLU A 274 12.20 9.39 -8.64
CA GLU A 274 12.11 8.82 -7.31
C GLU A 274 12.72 9.74 -6.26
N ASN A 275 13.79 10.45 -6.61
CA ASN A 275 14.46 11.31 -5.64
C ASN A 275 13.65 12.57 -5.37
N GLU A 276 12.95 13.11 -6.39
CA GLU A 276 12.32 14.41 -6.25
C GLU A 276 10.92 14.38 -5.68
N LEU A 277 10.31 13.20 -5.53
CA LEU A 277 8.95 13.13 -5.01
C LEU A 277 8.91 13.65 -3.58
N THR A 278 7.95 14.53 -3.31
CA THR A 278 7.73 15.07 -1.99
C THR A 278 6.23 15.18 -1.75
N HIS A 279 5.85 15.27 -0.48
CA HIS A 279 4.43 15.35 -0.15
C HIS A 279 3.82 16.63 -0.70
N ASP A 280 4.58 17.70 -0.71
CA ASP A 280 4.07 18.96 -1.19
C ASP A 280 3.82 18.91 -2.69
N ILE A 281 4.72 18.28 -3.41
CA ILE A 281 4.54 18.13 -4.85
C ILE A 281 3.28 17.34 -5.16
N ILE A 282 3.04 16.28 -4.40
CA ILE A 282 1.83 15.48 -4.60
C ILE A 282 0.59 16.31 -4.32
N THR A 283 0.60 17.06 -3.22
CA THR A 283 -0.56 17.87 -2.86
C THR A 283 -0.93 18.83 -3.97
N LYS A 284 0.08 19.46 -4.61
CA LYS A 284 -0.22 20.38 -5.69
C LYS A 284 -0.92 19.67 -6.84
N PHE A 285 -0.50 18.44 -7.16
CA PHE A 285 -1.16 17.70 -8.23
C PHE A 285 -2.61 17.40 -7.88
N LEU A 286 -2.87 17.03 -6.61
CA LEU A 286 -4.22 16.65 -6.21
C LEU A 286 -5.16 17.83 -6.24
N GLU A 287 -4.62 19.04 -6.05
CA GLU A 287 -5.46 20.24 -6.08
C GLU A 287 -5.81 20.70 -7.48
N ASN A 288 -5.05 20.28 -8.48
CA ASN A 288 -5.32 20.64 -9.86
C ASN A 288 -6.44 19.78 -10.43
N GLU A 289 -7.48 20.42 -10.95
CA GLU A 289 -8.61 19.71 -11.53
C GLU A 289 -8.71 19.88 -13.04
N ASP A 290 -7.82 20.66 -13.65
CA ASP A 290 -7.88 20.89 -15.09
C ASP A 290 -7.70 19.58 -15.84
N ARG A 291 -8.33 19.48 -17.00
CA ARG A 291 -8.28 18.31 -17.85
C ARG A 291 -7.94 18.74 -19.26
N ARG A 292 -7.19 17.87 -19.95
CA ARG A 292 -6.76 18.13 -21.31
C ARG A 292 -6.90 16.84 -22.12
N SER A 293 -7.00 16.96 -23.44
CA SER A 293 -7.13 15.78 -24.28
CA SER A 293 -7.13 15.79 -24.29
C SER A 293 -5.81 15.03 -24.33
N ALA A 294 -5.89 13.70 -24.34
CA ALA A 294 -4.73 12.84 -24.50
C ALA A 294 -5.22 11.48 -24.95
N SER A 295 -4.35 10.78 -25.68
CA SER A 295 -4.56 9.39 -26.06
CA SER A 295 -4.56 9.39 -26.06
C SER A 295 -3.73 8.57 -25.09
N LEU A 296 -4.39 7.98 -24.10
CA LEU A 296 -3.70 7.32 -23.01
C LEU A 296 -3.57 5.84 -23.28
N HIS A 297 -2.35 5.31 -23.09
CA HIS A 297 -2.11 3.88 -23.12
C HIS A 297 -1.60 3.48 -21.74
N LEU A 298 -2.29 2.55 -21.09
CA LEU A 298 -1.98 2.17 -19.68
C LEU A 298 -2.09 0.66 -19.57
N PRO A 299 -1.04 -0.01 -19.05
CA PRO A 299 -1.05 -1.48 -19.05
C PRO A 299 -2.08 -2.01 -18.07
N LYS A 300 -2.72 -3.11 -18.42
CA LYS A 300 -3.38 -3.91 -17.39
C LYS A 300 -2.30 -4.41 -16.43
N LEU A 301 -2.64 -4.49 -15.15
CA LEU A 301 -1.65 -4.95 -14.18
C LEU A 301 -2.26 -5.97 -13.24
N SER A 302 -1.48 -6.99 -12.92
CA SER A 302 -1.75 -7.91 -11.80
C SER A 302 -0.40 -8.10 -11.13
N ILE A 303 -0.15 -7.36 -10.06
CA ILE A 303 1.15 -7.40 -9.38
C ILE A 303 0.93 -7.59 -7.89
N THR A 304 1.93 -8.16 -7.23
CA THR A 304 1.89 -8.36 -5.80
C THR A 304 3.22 -7.91 -5.21
N GLY A 305 3.19 -7.60 -3.91
CA GLY A 305 4.41 -7.37 -3.19
C GLY A 305 4.33 -8.08 -1.86
N THR A 306 5.40 -8.78 -1.49
CA THR A 306 5.49 -9.51 -0.23
C THR A 306 6.78 -9.09 0.46
N TYR A 307 6.68 -8.61 1.70
CA TYR A 307 7.82 -8.05 2.39
C TYR A 307 7.94 -8.60 3.81
N ASP A 308 9.17 -8.92 4.18
CA ASP A 308 9.53 -9.28 5.55
C ASP A 308 9.69 -7.98 6.31
N LEU A 309 8.69 -7.62 7.12
CA LEU A 309 8.71 -6.34 7.80
C LEU A 309 9.79 -6.27 8.88
N LYS A 310 10.17 -7.40 9.48
CA LYS A 310 11.29 -7.38 10.42
C LYS A 310 12.52 -6.82 9.72
N SER A 311 12.78 -7.29 8.50
CA SER A 311 13.96 -6.84 7.76
C SER A 311 13.80 -5.42 7.29
N VAL A 312 12.66 -5.11 6.66
CA VAL A 312 12.47 -3.80 6.03
C VAL A 312 12.34 -2.71 7.09
N LEU A 313 11.48 -2.91 8.09
CA LEU A 313 11.31 -1.89 9.09
C LEU A 313 12.54 -1.76 9.99
N GLY A 314 13.34 -2.82 10.09
CA GLY A 314 14.59 -2.72 10.83
C GLY A 314 15.56 -1.75 10.21
N GLN A 315 15.56 -1.64 8.86
CA GLN A 315 16.36 -0.63 8.20
C GLN A 315 15.85 0.78 8.46
N LEU A 316 14.58 0.93 8.80
CA LEU A 316 14.03 2.23 9.16
C LEU A 316 14.13 2.53 10.65
N GLY A 317 14.77 1.66 11.45
CA GLY A 317 15.02 1.93 12.84
C GLY A 317 14.15 1.16 13.82
N ILE A 318 13.24 0.33 13.33
CA ILE A 318 12.34 -0.44 14.20
C ILE A 318 13.00 -1.80 14.43
N THR A 319 13.67 -1.96 15.58
CA THR A 319 14.42 -3.20 15.83
C THR A 319 14.11 -3.83 17.18
N LYS A 320 13.91 -3.02 18.23
CA LYS A 320 13.81 -3.58 19.58
C LYS A 320 12.57 -4.47 19.72
N VAL A 321 11.47 -4.12 19.06
CA VAL A 321 10.25 -4.92 19.17
C VAL A 321 10.41 -6.31 18.60
N PHE A 322 11.39 -6.51 17.72
CA PHE A 322 11.68 -7.79 17.13
C PHE A 322 12.80 -8.54 17.86
N SER A 323 13.33 -7.97 18.95
CA SER A 323 14.49 -8.51 19.65
C SER A 323 14.12 -9.00 21.04
N ASN A 324 15.00 -9.81 21.63
CA ASN A 324 14.74 -10.32 22.96
C ASN A 324 14.52 -9.21 23.99
N GLY A 325 15.10 -8.04 23.76
CA GLY A 325 14.93 -6.94 24.69
C GLY A 325 13.62 -6.21 24.59
N ALA A 326 12.68 -6.68 23.76
CA ALA A 326 11.47 -5.92 23.51
C ALA A 326 10.67 -5.69 24.79
N ASP A 327 10.12 -4.48 24.91
CA ASP A 327 9.25 -4.15 26.04
C ASP A 327 7.82 -4.22 25.53
N LEU A 328 7.27 -5.44 25.54
CA LEU A 328 5.88 -5.68 25.18
C LEU A 328 5.01 -5.92 26.40
N SER A 329 5.31 -5.24 27.50
CA SER A 329 4.61 -5.47 28.75
C SER A 329 3.16 -5.01 28.67
N GLY A 330 2.82 -4.16 27.70
CA GLY A 330 1.42 -3.88 27.46
C GLY A 330 0.65 -5.03 26.88
N VAL A 331 1.34 -6.02 26.31
CA VAL A 331 0.69 -7.20 25.75
C VAL A 331 0.62 -8.31 26.78
N THR A 332 1.72 -8.55 27.46
CA THR A 332 1.77 -9.55 28.53
C THR A 332 2.72 -9.03 29.61
N GLU A 333 2.28 -9.09 30.86
CA GLU A 333 3.01 -8.44 31.94
C GLU A 333 4.14 -9.29 32.48
N GLU A 334 3.90 -10.58 32.67
CA GLU A 334 4.85 -11.42 33.40
C GLU A 334 5.89 -12.07 32.50
N ALA A 335 5.52 -12.50 31.29
CA ALA A 335 6.43 -13.32 30.51
C ALA A 335 7.16 -12.48 29.47
N PRO A 336 8.41 -12.82 29.15
CA PRO A 336 9.09 -12.14 28.05
C PRO A 336 8.35 -12.37 26.73
N LEU A 337 8.52 -11.44 25.81
CA LEU A 337 7.84 -11.54 24.53
C LEU A 337 8.59 -10.70 23.53
N LYS A 338 8.60 -11.16 22.29
CA LYS A 338 9.09 -10.37 21.17
C LYS A 338 8.26 -10.73 19.95
N LEU A 339 8.27 -9.83 18.98
CA LEU A 339 7.59 -10.06 17.70
C LEU A 339 8.53 -10.87 16.82
N SER A 340 8.19 -12.15 16.62
CA SER A 340 9.10 -13.06 15.95
C SER A 340 8.98 -13.02 14.44
N LYS A 341 7.77 -12.75 13.94
CA LYS A 341 7.48 -12.78 12.51
C LYS A 341 6.55 -11.65 12.14
N ALA A 342 6.83 -10.99 11.02
CA ALA A 342 5.97 -9.88 10.59
C ALA A 342 6.04 -9.80 9.08
N VAL A 343 4.91 -10.02 8.42
CA VAL A 343 4.84 -10.08 6.95
C VAL A 343 3.77 -9.13 6.45
N HIS A 344 4.03 -8.48 5.31
CA HIS A 344 3.06 -7.68 4.59
C HIS A 344 2.97 -8.23 3.19
N LYS A 345 1.76 -8.44 2.71
CA LYS A 345 1.54 -8.78 1.32
C LYS A 345 0.45 -7.88 0.75
N ALA A 346 0.74 -7.26 -0.39
CA ALA A 346 -0.20 -6.36 -1.03
C ALA A 346 -0.38 -6.85 -2.45
N VAL A 347 -1.63 -6.86 -2.93
CA VAL A 347 -1.99 -7.36 -4.26
C VAL A 347 -2.77 -6.28 -4.98
N LEU A 348 -2.38 -5.99 -6.22
CA LEU A 348 -3.01 -4.96 -7.03
C LEU A 348 -3.51 -5.56 -8.33
N THR A 349 -4.71 -5.18 -8.72
CA THR A 349 -5.22 -5.44 -10.07
C THR A 349 -5.63 -4.12 -10.68
N ILE A 350 -5.17 -3.85 -11.89
CA ILE A 350 -5.64 -2.72 -12.69
C ILE A 350 -6.18 -3.28 -14.00
N ASP A 351 -7.43 -2.95 -14.30
CA ASP A 351 -8.01 -3.38 -15.57
C ASP A 351 -8.98 -2.30 -16.00
N GLU A 352 -9.82 -2.65 -16.99
CA GLU A 352 -10.53 -1.64 -17.75
C GLU A 352 -11.65 -1.03 -16.93
N LYS A 353 -12.33 -1.83 -16.12
CA LYS A 353 -13.50 -1.34 -15.42
C LYS A 353 -13.48 -1.74 -13.95
N GLY A 354 -12.89 -2.89 -13.65
CA GLY A 354 -12.90 -3.42 -12.29
C GLY A 354 -14.20 -4.04 -11.85
N THR A 355 -15.21 -4.06 -12.72
CA THR A 355 -16.50 -4.64 -12.41
C THR A 355 -17.18 -5.04 -13.70
N GLU A 356 -18.18 -5.92 -13.57
CA GLU A 356 -18.96 -6.35 -14.72
C GLU A 356 -20.24 -5.53 -14.90
N ALA A 357 -20.60 -4.71 -13.93
CA ALA A 357 -21.81 -3.91 -14.01
C ALA A 357 -21.61 -2.69 -14.90
N ALA A 358 -22.68 -2.27 -15.56
CA ALA A 358 -22.63 -1.08 -16.39
C ALA A 358 -22.48 0.15 -15.51
N GLY A 359 -21.53 1.03 -15.87
CA GLY A 359 -21.28 2.22 -15.09
C GLY A 359 -22.15 3.39 -15.55
N ALA A 360 -22.08 4.48 -14.78
CA ALA A 360 -22.78 5.70 -15.15
C ALA A 360 -22.18 6.28 -16.43
N MET A 361 -23.03 6.54 -17.41
CA MET A 361 -22.55 7.05 -18.68
CA MET A 361 -22.57 7.06 -18.69
C MET A 361 -22.34 8.56 -18.60
N PHE A 362 -21.39 9.04 -19.40
CA PHE A 362 -21.03 10.45 -19.44
C PHE A 362 -20.43 10.74 -20.80
N LEU A 363 -20.37 12.04 -21.14
CA LEU A 363 -19.77 12.53 -22.37
C LEU A 363 -18.67 13.53 -22.03
N GLU A 364 -17.48 13.34 -22.61
CA GLU A 364 -16.39 14.30 -22.50
C GLU A 364 -16.27 15.06 -23.81
N ALA A 365 -16.03 16.37 -23.71
CA ALA A 365 -15.89 17.24 -24.88
C ALA A 365 -14.42 17.25 -25.30
N ILE A 366 -14.12 16.60 -26.41
CA ILE A 366 -12.75 16.39 -26.88
C ILE A 366 -12.48 17.39 -28.02
N PRO A 367 -11.51 18.29 -27.86
CA PRO A 367 -11.22 19.25 -28.94
C PRO A 367 -10.65 18.52 -30.15
N MET A 368 -10.66 19.22 -31.28
CA MET A 368 -10.19 18.64 -32.54
C MET A 368 -8.68 18.80 -32.75
N SER A 369 -7.94 19.38 -31.80
CA SER A 369 -6.50 19.46 -31.92
C SER A 369 -5.89 18.10 -31.60
N ILE A 370 -4.67 17.90 -32.10
CA ILE A 370 -4.00 16.61 -31.98
C ILE A 370 -3.76 16.32 -30.51
N PRO A 371 -4.31 15.24 -29.97
CA PRO A 371 -4.05 14.91 -28.57
C PRO A 371 -2.66 14.33 -28.40
N PRO A 372 -1.93 14.72 -27.36
CA PRO A 372 -0.66 14.04 -27.07
C PRO A 372 -0.90 12.54 -26.83
N GLU A 373 0.07 11.74 -27.23
CA GLU A 373 0.06 10.31 -26.96
C GLU A 373 0.90 10.07 -25.71
N VAL A 374 0.27 9.59 -24.66
CA VAL A 374 0.95 9.33 -23.40
C VAL A 374 0.86 7.84 -23.17
N LYS A 375 1.99 7.15 -23.30
CA LYS A 375 2.06 5.69 -23.20
C LYS A 375 2.85 5.29 -21.95
N PHE A 376 2.18 4.62 -21.01
CA PHE A 376 2.86 4.03 -19.85
C PHE A 376 3.44 2.67 -20.26
N ASN A 377 4.47 2.76 -21.10
CA ASN A 377 5.07 1.59 -21.75
C ASN A 377 6.55 1.50 -21.43
N LYS A 378 6.94 2.04 -20.28
CA LYS A 378 8.28 1.89 -19.71
C LYS A 378 8.13 2.04 -18.21
N PRO A 379 9.17 1.71 -17.46
CA PRO A 379 9.02 1.74 -15.99
C PRO A 379 8.40 3.04 -15.49
N PHE A 380 7.43 2.90 -14.58
CA PHE A 380 6.77 4.04 -13.98
C PHE A 380 6.43 3.77 -12.52
N VAL A 381 6.19 4.86 -11.81
CA VAL A 381 5.89 4.85 -10.37
C VAL A 381 4.42 5.19 -10.20
N PHE A 382 3.84 4.77 -9.08
CA PHE A 382 2.46 5.18 -8.83
C PHE A 382 2.16 5.20 -7.35
N LEU A 383 1.07 5.88 -7.02
CA LEU A 383 0.63 6.17 -5.67
C LEU A 383 -0.88 6.22 -5.72
N MET A 384 -1.52 5.55 -4.76
CA MET A 384 -2.95 5.67 -4.60
C MET A 384 -3.24 6.45 -3.33
N ILE A 385 -4.14 7.45 -3.42
CA ILE A 385 -4.39 8.42 -2.36
C ILE A 385 -5.85 8.31 -1.94
N GLU A 386 -6.10 8.30 -0.63
CA GLU A 386 -7.44 8.41 -0.10
C GLU A 386 -7.90 9.86 -0.13
N GLN A 387 -9.06 10.09 -0.75
CA GLN A 387 -9.43 11.46 -1.10
C GLN A 387 -9.76 12.29 0.13
N ASN A 388 -10.41 11.69 1.13
CA ASN A 388 -10.77 12.44 2.33
C ASN A 388 -9.52 12.91 3.08
N THR A 389 -8.62 11.99 3.41
CA THR A 389 -7.45 12.29 4.22
C THR A 389 -6.20 12.60 3.41
N LYS A 390 -6.20 12.32 2.11
CA LYS A 390 -5.01 12.45 1.28
C LYS A 390 -3.91 11.45 1.69
N SER A 391 -4.29 10.40 2.41
CA SER A 391 -3.31 9.42 2.87
C SER A 391 -2.87 8.51 1.73
N PRO A 392 -1.61 8.05 1.76
CA PRO A 392 -1.13 7.15 0.69
C PRO A 392 -1.50 5.69 0.94
N LEU A 393 -2.61 5.28 0.36
CA LEU A 393 -3.07 3.91 0.51
C LEU A 393 -2.08 2.91 -0.07
N PHE A 394 -1.49 3.22 -1.23
CA PHE A 394 -0.55 2.31 -1.86
C PHE A 394 0.53 3.12 -2.56
N MET A 395 1.70 2.48 -2.75
CA MET A 395 2.77 3.04 -3.56
C MET A 395 3.47 1.89 -4.25
N GLY A 396 4.00 2.14 -5.45
CA GLY A 396 4.63 1.06 -6.17
C GLY A 396 5.37 1.53 -7.40
N LYS A 397 6.06 0.56 -8.02
CA LYS A 397 6.80 0.75 -9.25
C LYS A 397 6.61 -0.47 -10.12
N VAL A 398 6.27 -0.21 -11.40
CA VAL A 398 6.18 -1.27 -12.39
C VAL A 398 7.42 -1.20 -13.28
N VAL A 399 8.29 -2.21 -13.20
CA VAL A 399 9.43 -2.30 -14.09
C VAL A 399 9.11 -3.19 -15.28
N ASN A 400 8.16 -4.10 -15.14
CA ASN A 400 7.76 -5.03 -16.17
C ASN A 400 6.40 -5.60 -15.76
N PRO A 401 5.33 -5.22 -16.44
CA PRO A 401 3.99 -5.72 -16.04
C PRO A 401 3.91 -7.24 -15.97
N THR A 402 4.53 -7.95 -16.91
CA THR A 402 4.44 -9.42 -16.97
C THR A 402 5.60 -10.10 -16.25
N GLN A 403 6.31 -9.38 -15.39
CA GLN A 403 7.38 -9.97 -14.61
C GLN A 403 6.82 -10.97 -13.60
N LYS A 404 7.44 -12.15 -13.53
CA LYS A 404 7.07 -13.17 -12.55
C LYS A 404 7.82 -14.46 -12.85
N GLY B . 7.24 21.42 -12.76
CA GLY B . 6.22 21.67 -11.70
C GLY B . 5.30 20.50 -11.50
O GLY B . 5.17 19.97 -10.39
OXT GLY B . 4.64 20.05 -12.43
H1 GLY B . 8.04 21.66 -12.46
H2 GLY B . 7.25 20.55 -12.96
H3 GLY B . 7.05 21.89 -13.48
HA2 GLY B . 6.68 21.86 -10.86
HA3 GLY B . 5.69 22.45 -11.95
C10 H3B C . 14.86 -10.02 -20.66
C06 H3B C . 13.52 -10.93 -18.04
C07 H3B C . 12.30 -11.72 -17.56
C08 H3B C . 12.13 -11.47 -20.77
C09 H3B C . 12.30 -8.60 -19.69
C11 H3B C . 12.73 -12.63 -16.41
O03 H3B C . 10.38 -13.95 -15.91
O04 H3B C . 11.79 -13.31 -13.94
O05 H3B C . 10.57 -11.63 -15.01
S01 H3B C . 11.31 -12.91 -15.32
SI1 H3B C . 13.21 -10.26 -19.79
N GLY D . 6.50 5.70 -26.68
CA GLY D . 7.46 4.75 -27.19
C GLY D . 7.39 4.60 -28.68
O GLY D . 8.41 4.30 -29.33
OXT GLY D . 6.33 4.77 -29.28
HA2 GLY D . 8.35 5.03 -26.95
HA3 GLY D . 7.30 3.88 -26.79
#